data_5V52
#
_entry.id   5V52
#
_cell.length_a   68.500
_cell.length_b   68.500
_cell.length_c   253.910
_cell.angle_alpha   90.00
_cell.angle_beta   90.00
_cell.angle_gamma   90.00
#
_symmetry.space_group_name_H-M   'P 43 21 2'
#
loop_
_entity.id
_entity.type
_entity.pdbx_description
1 polymer 'T-cell immunoreceptor with Ig and ITIM domains'
2 polymer Nectin-2
3 non-polymer GLYCEROL
4 non-polymer 'SULFATE ION'
5 non-polymer 2-acetamido-2-deoxy-beta-D-glucopyranose
#
loop_
_entity_poly.entity_id
_entity_poly.type
_entity_poly.pdbx_seq_one_letter_code
_entity_poly.pdbx_strand_id
1 'polypeptide(L)'
;MMTGTIETTGNISAEKGGSIILQCHLSSTTAQVTQVNWEQQDQLLAISNADLGWHISPSFKDRVAPGPGLGLTLQSLTVN
DTGEYFCIYHTYPDGTYTGRIFLEVLE
;
A,B
2 'polypeptide(L)'
;QDVRVQVLPEVRGQLGGTVELPCHLLPPVPGLYISLVTWQRPDAPANHQNVAAFHPKMGPSFPSPKPGSERLSFVSAKQS
TGQDTEAELQDATLALHGLTVEDEGNYTCEFATFPKGSVRGMTWLRVLVPRGSGHHHHHH
;
C,D
#
# COMPACT_ATOMS: atom_id res chain seq x y z
N THR A 3 5.93 -20.65 -6.36
CA THR A 3 4.75 -20.21 -7.12
C THR A 3 4.71 -18.68 -7.14
N GLY A 4 4.41 -18.06 -6.00
CA GLY A 4 4.33 -16.61 -5.82
C GLY A 4 5.12 -16.13 -4.62
N THR A 5 5.27 -14.80 -4.45
CA THR A 5 6.05 -14.22 -3.34
C THR A 5 5.37 -13.00 -2.71
N ILE A 6 5.65 -12.76 -1.41
CA ILE A 6 5.14 -11.61 -0.66
C ILE A 6 6.28 -10.61 -0.45
N GLU A 7 6.05 -9.34 -0.83
CA GLU A 7 6.98 -8.25 -0.62
C GLU A 7 6.52 -7.44 0.58
N THR A 8 7.45 -7.01 1.43
CA THR A 8 7.13 -6.25 2.64
C THR A 8 7.77 -4.86 2.59
N THR A 9 7.42 -3.99 3.55
CA THR A 9 8.00 -2.65 3.68
C THR A 9 9.38 -2.75 4.35
N GLY A 10 9.71 -3.96 4.84
CA GLY A 10 10.97 -4.29 5.46
C GLY A 10 11.04 -4.03 6.94
N ASN A 11 12.26 -4.06 7.50
CA ASN A 11 12.52 -3.82 8.90
C ASN A 11 12.43 -2.31 9.14
N ILE A 12 11.24 -1.87 9.55
CA ILE A 12 10.90 -0.46 9.76
C ILE A 12 11.33 0.03 11.15
N SER A 13 11.61 1.35 11.25
CA SER A 13 12.00 2.05 12.47
C SER A 13 11.13 3.30 12.63
N ALA A 14 10.60 3.53 13.83
CA ALA A 14 9.70 4.65 14.11
C ALA A 14 9.97 5.32 15.46
N GLU A 15 9.42 6.53 15.64
CA GLU A 15 9.51 7.32 16.86
C GLU A 15 8.23 7.18 17.67
N LYS A 16 8.34 7.27 19.01
CA LYS A 16 7.22 7.15 19.94
C LYS A 16 6.20 8.27 19.72
N GLY A 17 4.92 7.91 19.77
CA GLY A 17 3.79 8.81 19.60
C GLY A 17 3.32 9.06 18.18
N GLY A 18 4.14 8.67 17.20
CA GLY A 18 3.85 8.86 15.79
C GLY A 18 2.95 7.80 15.16
N SER A 19 2.93 7.79 13.82
CA SER A 19 2.15 6.86 13.01
C SER A 19 3.03 6.14 11.97
N ILE A 20 2.73 4.86 11.70
CA ILE A 20 3.48 4.07 10.73
C ILE A 20 2.55 3.22 9.86
N ILE A 21 3.03 2.83 8.66
CA ILE A 21 2.26 2.03 7.71
C ILE A 21 2.93 0.67 7.52
N LEU A 22 2.16 -0.41 7.74
CA LEU A 22 2.55 -1.80 7.53
C LEU A 22 1.89 -2.25 6.23
N GLN A 23 2.67 -2.48 5.17
CA GLN A 23 2.11 -2.87 3.89
C GLN A 23 2.76 -4.13 3.35
N CYS A 24 1.95 -4.98 2.72
CA CYS A 24 2.35 -6.22 2.09
C CYS A 24 1.73 -6.32 0.71
N HIS A 25 2.40 -7.02 -0.20
CA HIS A 25 1.89 -7.22 -1.55
C HIS A 25 2.31 -8.59 -2.05
N LEU A 26 1.33 -9.35 -2.54
CA LEU A 26 1.54 -10.68 -3.10
C LEU A 26 1.67 -10.57 -4.63
N SER A 27 2.85 -10.91 -5.13
CA SER A 27 3.20 -10.88 -6.55
C SER A 27 3.51 -12.28 -7.08
N SER A 28 3.81 -12.39 -8.39
CA SER A 28 4.17 -13.60 -9.14
C SER A 28 3.09 -14.70 -9.05
N THR A 29 1.82 -14.30 -8.85
CA THR A 29 0.64 -15.17 -8.79
C THR A 29 -0.63 -14.34 -9.01
N THR A 30 -1.66 -14.99 -9.59
CA THR A 30 -2.96 -14.40 -9.90
C THR A 30 -4.04 -14.95 -8.95
N ALA A 31 -3.61 -15.70 -7.91
CA ALA A 31 -4.48 -16.32 -6.91
C ALA A 31 -5.44 -15.30 -6.26
N GLN A 32 -6.73 -15.67 -6.19
CA GLN A 32 -7.80 -14.86 -5.61
C GLN A 32 -7.58 -14.69 -4.11
N VAL A 33 -7.24 -13.47 -3.68
CA VAL A 33 -6.97 -13.14 -2.29
C VAL A 33 -8.30 -13.04 -1.53
N THR A 34 -8.66 -14.14 -0.84
CA THR A 34 -9.91 -14.26 -0.09
C THR A 34 -9.85 -13.47 1.22
N GLN A 35 -8.71 -13.55 1.95
CA GLN A 35 -8.55 -12.90 3.24
C GLN A 35 -7.09 -12.57 3.55
N VAL A 36 -6.86 -11.39 4.17
CA VAL A 36 -5.55 -10.91 4.61
C VAL A 36 -5.61 -10.75 6.12
N ASN A 37 -4.70 -11.43 6.85
CA ASN A 37 -4.64 -11.37 8.31
C ASN A 37 -3.37 -10.67 8.79
N TRP A 38 -3.53 -9.61 9.56
CA TRP A 38 -2.44 -8.87 10.18
C TRP A 38 -2.34 -9.40 11.60
N GLU A 39 -1.26 -10.14 11.88
CA GLU A 39 -1.07 -10.80 13.17
C GLU A 39 0.33 -10.60 13.74
N GLN A 40 0.48 -10.95 15.03
CA GLN A 40 1.73 -11.00 15.77
C GLN A 40 1.93 -12.49 16.15
N GLN A 41 2.91 -12.83 17.02
CA GLN A 41 3.21 -14.23 17.38
C GLN A 41 1.95 -14.99 17.84
N ASP A 42 1.24 -14.48 18.86
CA ASP A 42 0.02 -15.10 19.36
C ASP A 42 -1.02 -14.01 19.68
N GLN A 43 -1.24 -13.12 18.69
CA GLN A 43 -2.18 -12.01 18.74
C GLN A 43 -2.62 -11.62 17.34
N LEU A 44 -3.93 -11.44 17.15
CA LEU A 44 -4.51 -11.04 15.88
C LEU A 44 -4.81 -9.54 15.93
N LEU A 45 -4.25 -8.77 14.98
CA LEU A 45 -4.45 -7.32 14.95
C LEU A 45 -5.67 -6.96 14.11
N ALA A 46 -5.71 -7.38 12.83
CA ALA A 46 -6.81 -7.06 11.92
C ALA A 46 -6.97 -8.08 10.79
N ILE A 47 -8.21 -8.19 10.28
CA ILE A 47 -8.58 -9.07 9.18
C ILE A 47 -9.19 -8.24 8.06
N SER A 48 -8.83 -8.54 6.80
CA SER A 48 -9.39 -7.90 5.63
C SER A 48 -9.98 -8.96 4.71
N ASN A 49 -11.31 -9.14 4.77
CA ASN A 49 -12.02 -10.10 3.93
C ASN A 49 -12.43 -9.42 2.63
N ALA A 50 -12.35 -10.16 1.51
CA ALA A 50 -12.68 -9.66 0.17
C ALA A 50 -14.16 -9.28 0.03
N ASP A 51 -15.06 -9.94 0.80
CA ASP A 51 -16.50 -9.70 0.75
C ASP A 51 -17.03 -9.03 2.01
N LEU A 52 -16.64 -9.53 3.20
CA LEU A 52 -17.12 -9.04 4.50
C LEU A 52 -16.46 -7.72 4.94
N GLY A 53 -15.35 -7.36 4.31
CA GLY A 53 -14.63 -6.13 4.63
C GLY A 53 -13.61 -6.26 5.74
N TRP A 54 -13.32 -5.13 6.40
CA TRP A 54 -12.34 -5.03 7.48
C TRP A 54 -12.90 -5.40 8.84
N HIS A 55 -12.00 -5.80 9.75
CA HIS A 55 -12.28 -6.13 11.16
C HIS A 55 -11.02 -5.83 11.96
N ILE A 56 -11.17 -4.98 12.99
CA ILE A 56 -10.06 -4.63 13.88
C ILE A 56 -10.34 -5.21 15.25
N SER A 57 -9.33 -5.86 15.85
CA SER A 57 -9.40 -6.46 17.19
C SER A 57 -9.72 -5.38 18.25
N PRO A 58 -10.58 -5.66 19.26
CA PRO A 58 -10.92 -4.63 20.27
C PRO A 58 -9.70 -4.09 21.03
N SER A 59 -8.67 -4.94 21.21
CA SER A 59 -7.41 -4.60 21.89
C SER A 59 -6.58 -3.56 21.10
N PHE A 60 -6.79 -3.47 19.76
CA PHE A 60 -6.08 -2.54 18.87
C PHE A 60 -7.03 -1.56 18.16
N LYS A 61 -8.34 -1.59 18.50
CA LYS A 61 -9.41 -0.76 17.92
C LYS A 61 -9.15 0.76 17.99
N ASP A 62 -8.43 1.23 19.04
CA ASP A 62 -8.14 2.67 19.24
C ASP A 62 -6.70 3.09 18.84
N ARG A 63 -5.86 2.15 18.34
CA ARG A 63 -4.47 2.45 17.94
C ARG A 63 -4.15 1.97 16.52
N VAL A 64 -5.11 1.34 15.82
CA VAL A 64 -4.92 0.80 14.47
C VAL A 64 -5.99 1.38 13.53
N ALA A 65 -5.55 1.78 12.33
CA ALA A 65 -6.40 2.31 11.25
C ALA A 65 -6.34 1.37 10.03
N PRO A 66 -7.49 0.98 9.43
CA PRO A 66 -7.45 0.11 8.25
C PRO A 66 -6.95 0.87 7.02
N GLY A 67 -6.23 0.16 6.15
CA GLY A 67 -5.68 0.74 4.93
C GLY A 67 -4.26 1.25 5.10
N PRO A 68 -3.54 1.65 4.02
CA PRO A 68 -3.95 1.67 2.59
C PRO A 68 -4.09 0.26 2.01
N GLY A 69 -5.11 0.06 1.18
CA GLY A 69 -5.42 -1.21 0.52
C GLY A 69 -5.52 -2.35 1.51
N LEU A 70 -4.59 -3.32 1.39
CA LEU A 70 -4.50 -4.49 2.28
C LEU A 70 -3.38 -4.30 3.31
N GLY A 71 -3.20 -3.05 3.73
CA GLY A 71 -2.20 -2.66 4.71
C GLY A 71 -2.78 -2.19 6.02
N LEU A 72 -1.89 -1.91 6.98
CA LEU A 72 -2.29 -1.47 8.32
C LEU A 72 -1.56 -0.20 8.72
N THR A 73 -2.26 0.68 9.45
CA THR A 73 -1.70 1.94 9.92
C THR A 73 -1.71 1.94 11.44
N LEU A 74 -0.51 1.93 12.05
CA LEU A 74 -0.35 1.96 13.50
C LEU A 74 -0.26 3.41 13.96
N GLN A 75 -1.21 3.85 14.80
CA GLN A 75 -1.28 5.22 15.31
C GLN A 75 -0.88 5.26 16.78
N SER A 76 -0.28 6.40 17.22
CA SER A 76 0.20 6.65 18.59
C SER A 76 1.08 5.48 19.04
N LEU A 77 2.26 5.35 18.42
CA LEU A 77 3.23 4.28 18.65
C LEU A 77 3.88 4.36 20.03
N THR A 78 3.90 3.22 20.74
CA THR A 78 4.52 3.08 22.05
C THR A 78 5.75 2.19 21.88
N VAL A 79 6.63 2.16 22.90
CA VAL A 79 7.85 1.33 22.89
C VAL A 79 7.46 -0.17 22.94
N ASN A 80 6.26 -0.48 23.47
CA ASN A 80 5.70 -1.83 23.57
C ASN A 80 5.32 -2.41 22.21
N ASP A 81 5.09 -1.53 21.20
CA ASP A 81 4.70 -1.91 19.84
C ASP A 81 5.86 -2.60 19.07
N THR A 82 7.08 -2.60 19.64
CA THR A 82 8.28 -3.24 19.07
C THR A 82 8.03 -4.77 18.95
N GLY A 83 8.40 -5.35 17.81
CA GLY A 83 8.24 -6.78 17.55
C GLY A 83 7.92 -7.13 16.12
N GLU A 84 7.83 -8.44 15.85
CA GLU A 84 7.50 -9.01 14.54
C GLU A 84 6.02 -8.86 14.24
N TYR A 85 5.70 -8.49 13.00
CA TYR A 85 4.35 -8.33 12.47
C TYR A 85 4.22 -9.22 11.24
N PHE A 86 3.09 -9.91 11.10
CA PHE A 86 2.90 -10.85 10.00
C PHE A 86 1.66 -10.55 9.17
N CYS A 87 1.81 -10.64 7.84
CA CYS A 87 0.72 -10.47 6.88
C CYS A 87 0.48 -11.83 6.25
N ILE A 88 -0.61 -12.46 6.65
CA ILE A 88 -0.95 -13.81 6.20
C ILE A 88 -2.03 -13.68 5.12
N TYR A 89 -1.67 -14.09 3.88
CA TYR A 89 -2.53 -14.02 2.71
C TYR A 89 -3.18 -15.37 2.43
N HIS A 90 -4.50 -15.47 2.66
CA HIS A 90 -5.29 -16.67 2.41
C HIS A 90 -5.85 -16.54 1.00
N THR A 91 -5.27 -17.34 0.06
CA THR A 91 -5.58 -17.28 -1.37
C THR A 91 -6.01 -18.61 -1.98
N TYR A 92 -6.73 -18.53 -3.11
CA TYR A 92 -7.17 -19.67 -3.91
C TYR A 92 -6.65 -19.50 -5.34
N PRO A 93 -6.04 -20.53 -5.97
CA PRO A 93 -5.85 -21.90 -5.48
C PRO A 93 -4.52 -22.16 -4.76
N ASP A 94 -3.55 -21.22 -4.86
CA ASP A 94 -2.18 -21.29 -4.33
C ASP A 94 -2.10 -21.72 -2.84
N GLY A 95 -2.95 -21.16 -1.99
CA GLY A 95 -2.94 -21.52 -0.57
C GLY A 95 -2.73 -20.36 0.39
N THR A 96 -1.77 -20.52 1.32
CA THR A 96 -1.50 -19.53 2.35
C THR A 96 -0.05 -19.00 2.26
N TYR A 97 0.07 -17.69 1.97
CA TYR A 97 1.34 -16.96 1.87
C TYR A 97 1.56 -16.13 3.13
N THR A 98 2.81 -16.03 3.61
CA THR A 98 3.14 -15.30 4.83
C THR A 98 4.34 -14.36 4.64
N GLY A 99 4.20 -13.15 5.17
CA GLY A 99 5.23 -12.12 5.16
C GLY A 99 5.51 -11.64 6.58
N ARG A 100 6.77 -11.26 6.86
CA ARG A 100 7.21 -10.81 8.18
C ARG A 100 7.83 -9.41 8.12
N ILE A 101 7.44 -8.54 9.07
CA ILE A 101 7.92 -7.16 9.23
C ILE A 101 8.36 -6.96 10.68
N PHE A 102 9.59 -6.46 10.92
CA PHE A 102 10.03 -6.18 12.28
C PHE A 102 10.03 -4.68 12.52
N LEU A 103 9.31 -4.23 13.55
CA LEU A 103 9.20 -2.82 13.92
C LEU A 103 10.03 -2.53 15.18
N GLU A 104 10.79 -1.41 15.17
CA GLU A 104 11.61 -0.96 16.29
C GLU A 104 11.25 0.50 16.67
N VAL A 105 10.78 0.70 17.92
CA VAL A 105 10.37 2.01 18.45
C VAL A 105 11.37 2.44 19.53
N THR B 3 -6.07 21.61 7.00
CA THR B 3 -5.01 20.96 6.22
C THR B 3 -4.67 19.58 6.83
N GLY B 4 -4.27 18.65 5.97
CA GLY B 4 -3.94 17.27 6.32
C GLY B 4 -2.48 16.97 6.58
N THR B 5 -2.16 15.66 6.65
CA THR B 5 -0.83 15.11 6.91
C THR B 5 -0.54 13.85 6.08
N ILE B 6 0.75 13.59 5.80
CA ILE B 6 1.20 12.40 5.07
C ILE B 6 1.85 11.42 6.05
N GLU B 7 1.39 10.16 6.04
CA GLU B 7 1.96 9.07 6.84
C GLU B 7 2.85 8.24 5.93
N THR B 8 4.00 7.80 6.45
CA THR B 8 4.96 7.01 5.69
C THR B 8 5.17 5.64 6.34
N THR B 9 5.91 4.76 5.64
CA THR B 9 6.25 3.41 6.14
C THR B 9 7.42 3.55 7.15
N GLY B 10 8.01 4.75 7.22
CA GLY B 10 9.09 5.10 8.13
C GLY B 10 10.47 4.82 7.59
N ASN B 11 11.47 4.86 8.49
CA ASN B 11 12.85 4.60 8.17
C ASN B 11 13.02 3.08 8.03
N ILE B 12 12.91 2.62 6.78
CA ILE B 12 12.95 1.20 6.40
C ILE B 12 14.40 0.70 6.23
N SER B 13 14.59 -0.62 6.44
CA SER B 13 15.86 -1.32 6.31
C SER B 13 15.66 -2.57 5.47
N ALA B 14 16.57 -2.82 4.50
CA ALA B 14 16.47 -3.95 3.59
C ALA B 14 17.80 -4.64 3.32
N GLU B 15 17.74 -5.84 2.72
CA GLU B 15 18.90 -6.65 2.33
C GLU B 15 19.16 -6.48 0.83
N LYS B 16 20.43 -6.56 0.41
CA LYS B 16 20.85 -6.44 -0.98
C LYS B 16 20.26 -7.56 -1.84
N GLY B 17 19.78 -7.21 -3.04
CA GLY B 17 19.20 -8.14 -4.00
C GLY B 17 17.72 -8.39 -3.86
N GLY B 18 17.15 -8.00 -2.72
CA GLY B 18 15.73 -8.19 -2.41
C GLY B 18 14.79 -7.16 -2.98
N SER B 19 13.55 -7.14 -2.45
CA SER B 19 12.48 -6.21 -2.85
C SER B 19 11.89 -5.50 -1.65
N ILE B 20 11.50 -4.23 -1.82
CA ILE B 20 10.91 -3.42 -0.75
C ILE B 20 9.73 -2.59 -1.25
N ILE B 21 8.82 -2.20 -0.34
CA ILE B 21 7.64 -1.40 -0.68
C ILE B 21 7.73 -0.03 0.00
N LEU B 22 7.61 1.03 -0.82
CA LEU B 22 7.56 2.43 -0.40
C LEU B 22 6.12 2.87 -0.49
N GLN B 23 5.47 3.13 0.66
CA GLN B 23 4.06 3.51 0.67
C GLN B 23 3.84 4.80 1.45
N CYS B 24 2.93 5.64 0.95
CA CYS B 24 2.53 6.90 1.56
C CYS B 24 1.02 7.00 1.55
N HIS B 25 0.45 7.73 2.52
CA HIS B 25 -0.98 7.95 2.61
C HIS B 25 -1.25 9.34 3.16
N LEU B 26 -2.10 10.09 2.46
CA LEU B 26 -2.51 11.43 2.83
C LEU B 26 -3.84 11.35 3.58
N SER B 27 -3.80 11.73 4.86
CA SER B 27 -4.95 11.73 5.76
C SER B 27 -5.29 13.15 6.23
N SER B 28 -6.37 13.30 7.03
CA SER B 28 -6.89 14.54 7.63
C SER B 28 -7.25 15.61 6.56
N THR B 29 -7.60 15.15 5.34
CA THR B 29 -8.04 15.97 4.20
C THR B 29 -8.75 15.10 3.17
N THR B 30 -9.70 15.71 2.44
CA THR B 30 -10.50 15.06 1.38
C THR B 30 -10.08 15.57 0.00
N ALA B 31 -8.98 16.35 -0.05
CA ALA B 31 -8.43 16.94 -1.27
C ALA B 31 -8.22 15.90 -2.38
N GLN B 32 -8.69 16.23 -3.60
CA GLN B 32 -8.61 15.40 -4.80
C GLN B 32 -7.15 15.22 -5.20
N VAL B 33 -6.62 13.99 -5.04
CA VAL B 33 -5.24 13.65 -5.36
C VAL B 33 -5.09 13.52 -6.87
N THR B 34 -4.60 14.59 -7.51
CA THR B 34 -4.42 14.68 -8.96
C THR B 34 -3.20 13.87 -9.42
N GLN B 35 -2.07 13.97 -8.68
CA GLN B 35 -0.83 13.33 -9.04
C GLN B 35 0.05 13.01 -7.83
N VAL B 36 0.71 11.84 -7.84
CA VAL B 36 1.65 11.40 -6.79
C VAL B 36 3.02 11.18 -7.44
N ASN B 37 4.03 11.90 -6.96
CA ASN B 37 5.39 11.82 -7.49
C ASN B 37 6.34 11.15 -6.50
N TRP B 38 6.98 10.07 -6.95
CA TRP B 38 7.99 9.36 -6.17
C TRP B 38 9.33 9.87 -6.67
N GLU B 39 10.03 10.62 -5.81
CA GLU B 39 11.29 11.27 -6.17
C GLU B 39 12.38 11.10 -5.11
N GLN B 40 13.61 11.45 -5.49
CA GLN B 40 14.79 11.53 -4.64
C GLN B 40 15.22 13.02 -4.66
N GLN B 41 16.41 13.36 -4.11
CA GLN B 41 16.89 14.75 -4.03
C GLN B 41 16.84 15.47 -5.40
N ASP B 42 17.47 14.89 -6.43
CA ASP B 42 17.47 15.48 -7.77
C ASP B 42 17.30 14.36 -8.81
N GLN B 43 16.30 13.49 -8.59
CA GLN B 43 15.94 12.37 -9.46
C GLN B 43 14.49 11.99 -9.28
N LEU B 44 13.78 11.79 -10.40
CA LEU B 44 12.38 11.39 -10.42
C LEU B 44 12.29 9.89 -10.68
N LEU B 45 11.64 9.15 -9.78
CA LEU B 45 11.50 7.69 -9.89
C LEU B 45 10.26 7.32 -10.68
N ALA B 46 9.07 7.75 -10.21
CA ALA B 46 7.79 7.43 -10.86
C ALA B 46 6.69 8.45 -10.55
N ILE B 47 5.72 8.55 -11.48
CA ILE B 47 4.57 9.44 -11.39
C ILE B 47 3.29 8.60 -11.48
N SER B 48 2.30 8.94 -10.65
CA SER B 48 0.99 8.28 -10.67
C SER B 48 -0.09 9.35 -10.86
N ASN B 49 -0.57 9.50 -12.10
CA ASN B 49 -1.63 10.45 -12.44
C ASN B 49 -2.97 9.79 -12.28
N ALA B 50 -3.96 10.53 -11.76
CA ALA B 50 -5.33 10.05 -11.52
C ALA B 50 -6.06 9.66 -12.83
N ASP B 51 -5.71 10.30 -13.95
CA ASP B 51 -6.34 10.05 -15.25
C ASP B 51 -5.40 9.35 -16.24
N LEU B 52 -4.15 9.83 -16.38
CA LEU B 52 -3.16 9.31 -17.32
C LEU B 52 -2.49 8.00 -16.87
N GLY B 53 -2.63 7.65 -15.59
CA GLY B 53 -2.06 6.44 -15.02
C GLY B 53 -0.63 6.57 -14.54
N TRP B 54 0.09 5.43 -14.52
CA TRP B 54 1.47 5.34 -14.05
C TRP B 54 2.49 5.69 -15.14
N HIS B 55 3.69 6.11 -14.69
CA HIS B 55 4.86 6.41 -15.51
C HIS B 55 6.11 6.13 -14.70
N ILE B 56 6.99 5.27 -15.23
CA ILE B 56 8.25 4.92 -14.57
C ILE B 56 9.40 5.49 -15.40
N SER B 57 10.36 6.14 -14.72
CA SER B 57 11.54 6.72 -15.34
C SER B 57 12.37 5.63 -16.05
N PRO B 58 12.94 5.89 -17.25
CA PRO B 58 13.72 4.83 -17.95
C PRO B 58 14.92 4.32 -17.15
N SER B 59 15.51 5.19 -16.29
CA SER B 59 16.65 4.88 -15.42
C SER B 59 16.28 3.89 -14.31
N PHE B 60 14.99 3.88 -13.90
CA PHE B 60 14.47 3.03 -12.83
C PHE B 60 13.50 1.95 -13.34
N LYS B 61 13.15 1.99 -14.65
CA LYS B 61 12.21 1.09 -15.33
C LYS B 61 12.38 -0.41 -14.98
N ASP B 62 13.61 -0.93 -15.09
CA ASP B 62 13.93 -2.35 -14.85
C ASP B 62 14.15 -2.71 -13.37
N ARG B 63 14.04 -1.74 -12.44
CA ARG B 63 14.25 -2.00 -11.00
C ARG B 63 13.08 -1.51 -10.12
N VAL B 64 12.05 -0.90 -10.73
CA VAL B 64 10.88 -0.36 -10.01
C VAL B 64 9.58 -0.96 -10.58
N ALA B 65 8.68 -1.35 -9.68
CA ALA B 65 7.36 -1.89 -10.01
C ALA B 65 6.25 -0.96 -9.48
N PRO B 66 5.23 -0.60 -10.30
CA PRO B 66 4.17 0.29 -9.79
C PRO B 66 3.25 -0.44 -8.82
N GLY B 67 2.75 0.28 -7.83
CA GLY B 67 1.86 -0.26 -6.80
C GLY B 67 2.60 -0.74 -5.57
N PRO B 68 1.89 -1.12 -4.47
CA PRO B 68 0.43 -1.13 -4.26
C PRO B 68 -0.16 0.27 -4.19
N GLY B 69 -1.29 0.47 -4.88
CA GLY B 69 -2.01 1.73 -4.95
C GLY B 69 -1.15 2.89 -5.40
N LEU B 70 -0.91 3.85 -4.49
CA LEU B 70 -0.08 5.02 -4.77
C LEU B 70 1.31 4.83 -4.15
N GLY B 71 1.77 3.59 -4.14
CA GLY B 71 3.07 3.20 -3.61
C GLY B 71 4.04 2.71 -4.66
N LEU B 72 5.27 2.45 -4.24
CA LEU B 72 6.33 1.99 -5.13
C LEU B 72 7.00 0.74 -4.61
N THR B 73 7.38 -0.16 -5.53
CA THR B 73 8.05 -1.41 -5.19
C THR B 73 9.44 -1.41 -5.81
N LEU B 74 10.48 -1.36 -4.97
CA LEU B 74 11.88 -1.38 -5.42
C LEU B 74 12.35 -2.83 -5.50
N GLN B 75 12.73 -3.29 -6.70
CA GLN B 75 13.19 -4.66 -6.95
C GLN B 75 14.70 -4.68 -7.17
N SER B 76 15.37 -5.80 -6.78
CA SER B 76 16.82 -6.03 -6.89
C SER B 76 17.58 -4.83 -6.28
N LEU B 77 17.47 -4.71 -4.95
CA LEU B 77 18.06 -3.61 -4.18
C LEU B 77 19.60 -3.69 -4.14
N THR B 78 20.24 -2.56 -4.40
CA THR B 78 21.70 -2.42 -4.35
C THR B 78 22.04 -1.52 -3.16
N VAL B 79 23.32 -1.48 -2.73
CA VAL B 79 23.77 -0.66 -1.61
C VAL B 79 23.67 0.84 -1.98
N ASN B 80 23.70 1.14 -3.30
CA ASN B 80 23.57 2.50 -3.86
C ASN B 80 22.16 3.07 -3.69
N ASP B 81 21.15 2.19 -3.50
CA ASP B 81 19.74 2.57 -3.31
C ASP B 81 19.48 3.26 -1.95
N THR B 82 20.49 3.27 -1.04
CA THR B 82 20.42 3.91 0.28
C THR B 82 20.21 5.42 0.09
N GLY B 83 19.33 6.01 0.90
CA GLY B 83 19.03 7.43 0.87
C GLY B 83 17.59 7.79 1.13
N GLU B 84 17.29 9.10 1.01
CA GLU B 84 15.96 9.67 1.21
C GLU B 84 15.10 9.51 -0.04
N TYR B 85 13.83 9.13 0.18
CA TYR B 85 12.82 8.95 -0.85
C TYR B 85 11.64 9.84 -0.50
N PHE B 86 11.06 10.51 -1.50
CA PHE B 86 9.98 11.46 -1.26
C PHE B 86 8.73 11.13 -2.06
N CYS B 87 7.57 11.24 -1.38
CA CYS B 87 6.25 11.06 -1.99
C CYS B 87 5.58 12.42 -1.99
N ILE B 88 5.50 13.02 -3.18
CA ILE B 88 4.96 14.36 -3.33
C ILE B 88 3.53 14.23 -3.88
N TYR B 89 2.56 14.65 -3.05
CA TYR B 89 1.13 14.58 -3.36
C TYR B 89 0.61 15.92 -3.88
N HIS B 90 0.29 15.98 -5.18
CA HIS B 90 -0.26 17.17 -5.83
C HIS B 90 -1.78 17.04 -5.76
N THR B 91 -2.40 17.87 -4.88
CA THR B 91 -3.83 17.82 -4.56
C THR B 91 -4.56 19.15 -4.74
N TYR B 92 -5.89 19.05 -4.94
CA TYR B 92 -6.80 20.19 -5.05
C TYR B 92 -7.89 20.06 -3.99
N PRO B 93 -8.21 21.11 -3.21
CA PRO B 93 -7.68 22.48 -3.26
C PRO B 93 -6.49 22.77 -2.35
N ASP B 94 -6.19 21.86 -1.41
CA ASP B 94 -5.13 21.96 -0.39
C ASP B 94 -3.75 22.37 -0.92
N GLY B 95 -3.31 21.78 -2.03
CA GLY B 95 -2.02 22.11 -2.62
C GLY B 95 -1.06 20.96 -2.79
N THR B 96 0.18 21.12 -2.29
CA THR B 96 1.24 20.12 -2.43
C THR B 96 1.74 19.64 -1.06
N TYR B 97 1.53 18.33 -0.79
CA TYR B 97 1.95 17.62 0.43
C TYR B 97 3.19 16.79 0.14
N THR B 98 4.14 16.72 1.10
CA THR B 98 5.39 15.98 0.91
C THR B 98 5.70 15.08 2.12
N GLY B 99 6.10 13.85 1.81
CA GLY B 99 6.51 12.84 2.78
C GLY B 99 7.92 12.35 2.49
N ARG B 100 8.66 11.97 3.54
CA ARG B 100 10.05 11.52 3.43
C ARG B 100 10.24 10.13 4.06
N ILE B 101 10.94 9.25 3.33
CA ILE B 101 11.28 7.87 3.74
C ILE B 101 12.78 7.66 3.58
N PHE B 102 13.46 7.17 4.62
CA PHE B 102 14.88 6.89 4.55
C PHE B 102 15.10 5.37 4.43
N LEU B 103 15.77 4.93 3.37
CA LEU B 103 16.06 3.52 3.14
C LEU B 103 17.53 3.25 3.42
N GLU B 104 17.80 2.21 4.22
CA GLU B 104 19.14 1.76 4.55
C GLU B 104 19.21 0.30 4.15
N VAL B 105 19.75 0.04 2.95
CA VAL B 105 19.86 -1.31 2.41
C VAL B 105 21.26 -1.84 2.71
N LEU B 106 21.32 -2.94 3.50
CA LEU B 106 22.56 -3.61 3.92
C LEU B 106 22.62 -5.03 3.37
N ASP C 2 14.81 20.49 -22.13
CA ASP C 2 13.55 19.87 -22.53
C ASP C 2 12.38 20.81 -22.23
N VAL C 3 12.05 21.02 -20.94
CA VAL C 3 10.97 21.90 -20.46
C VAL C 3 11.51 22.71 -19.27
N ARG C 4 11.31 24.04 -19.27
CA ARG C 4 11.81 24.90 -18.21
C ARG C 4 10.77 25.93 -17.73
N VAL C 5 10.85 26.30 -16.44
CA VAL C 5 9.98 27.30 -15.83
C VAL C 5 10.68 28.66 -15.96
N GLN C 6 9.99 29.63 -16.56
CA GLN C 6 10.54 30.98 -16.74
C GLN C 6 9.87 31.93 -15.76
N VAL C 7 10.66 32.42 -14.78
CA VAL C 7 10.22 33.35 -13.74
C VAL C 7 11.22 34.50 -13.62
N LEU C 8 10.76 35.66 -13.15
CA LEU C 8 11.63 36.80 -12.91
C LEU C 8 12.38 36.59 -11.58
N PRO C 9 13.71 36.87 -11.50
CA PRO C 9 14.43 36.64 -10.24
C PRO C 9 13.91 37.50 -9.08
N GLU C 10 13.57 38.76 -9.39
CA GLU C 10 13.06 39.73 -8.43
C GLU C 10 11.95 40.57 -9.06
N VAL C 11 10.85 40.75 -8.33
CA VAL C 11 9.70 41.56 -8.76
C VAL C 11 9.50 42.64 -7.69
N ARG C 12 9.63 43.91 -8.10
CA ARG C 12 9.46 45.06 -7.21
C ARG C 12 8.07 45.67 -7.41
N GLY C 13 7.45 46.05 -6.30
CA GLY C 13 6.12 46.63 -6.32
C GLY C 13 5.86 47.61 -5.19
N GLN C 14 5.20 48.74 -5.51
CA GLN C 14 4.82 49.77 -4.56
C GLN C 14 3.74 49.26 -3.61
N LEU C 15 3.82 49.66 -2.34
CA LEU C 15 2.90 49.30 -1.25
C LEU C 15 1.50 49.84 -1.58
N GLY C 16 0.54 48.91 -1.67
CA GLY C 16 -0.85 49.20 -2.00
C GLY C 16 -1.25 48.90 -3.44
N GLY C 17 -0.26 48.95 -4.34
CA GLY C 17 -0.47 48.69 -5.76
C GLY C 17 -0.64 47.23 -6.11
N THR C 18 -0.98 46.96 -7.38
CA THR C 18 -1.16 45.60 -7.90
C THR C 18 0.10 45.22 -8.68
N VAL C 19 0.65 44.03 -8.37
CA VAL C 19 1.87 43.53 -9.00
C VAL C 19 1.61 42.14 -9.62
N GLU C 20 2.39 41.79 -10.65
CA GLU C 20 2.30 40.51 -11.34
C GLU C 20 3.56 39.68 -11.11
N LEU C 21 3.39 38.41 -10.74
CA LEU C 21 4.50 37.47 -10.54
C LEU C 21 4.50 36.51 -11.73
N PRO C 22 5.30 36.78 -12.80
CA PRO C 22 5.24 35.93 -13.99
C PRO C 22 5.81 34.53 -13.77
N CYS C 23 5.08 33.54 -14.30
CA CYS C 23 5.44 32.13 -14.28
C CYS C 23 4.92 31.48 -15.55
N HIS C 24 5.84 31.01 -16.40
CA HIS C 24 5.50 30.39 -17.67
C HIS C 24 6.24 29.09 -17.85
N LEU C 25 5.55 28.06 -18.36
CA LEU C 25 6.17 26.78 -18.65
C LEU C 25 6.48 26.76 -20.13
N LEU C 26 7.79 26.88 -20.45
CA LEU C 26 8.27 26.94 -21.82
C LEU C 26 9.34 25.88 -22.09
N PRO C 27 9.35 25.26 -23.29
CA PRO C 27 8.46 25.47 -24.43
C PRO C 27 7.23 24.55 -24.42
N PRO C 28 6.14 24.87 -25.16
CA PRO C 28 4.98 23.96 -25.18
C PRO C 28 5.35 22.65 -25.87
N VAL C 29 5.30 21.55 -25.11
CA VAL C 29 5.68 20.21 -25.57
C VAL C 29 4.40 19.38 -25.83
N PRO C 30 4.22 18.83 -27.06
CA PRO C 30 3.04 17.97 -27.31
C PRO C 30 3.18 16.62 -26.60
N GLY C 31 2.10 16.21 -25.93
CA GLY C 31 2.08 14.97 -25.17
C GLY C 31 2.27 15.22 -23.68
N LEU C 32 2.78 16.41 -23.32
CA LEU C 32 2.98 16.82 -21.93
C LEU C 32 1.72 17.48 -21.39
N TYR C 33 1.22 16.96 -20.28
CA TYR C 33 0.01 17.49 -19.64
C TYR C 33 0.37 18.12 -18.31
N ILE C 34 -0.18 19.31 -18.03
CA ILE C 34 0.00 20.00 -16.75
C ILE C 34 -1.18 19.59 -15.86
N SER C 35 -0.91 18.71 -14.88
CA SER C 35 -1.94 18.21 -13.97
C SER C 35 -2.30 19.22 -12.88
N LEU C 36 -1.34 20.07 -12.44
CA LEU C 36 -1.56 21.09 -11.41
C LEU C 36 -0.51 22.20 -11.43
N VAL C 37 -0.91 23.39 -10.99
CA VAL C 37 -0.07 24.60 -10.85
C VAL C 37 -0.21 25.08 -9.39
N THR C 38 0.92 25.24 -8.67
CA THR C 38 0.86 25.67 -7.27
C THR C 38 1.88 26.74 -6.93
N TRP C 39 1.39 27.83 -6.31
CA TRP C 39 2.20 28.93 -5.81
C TRP C 39 2.42 28.70 -4.31
N GLN C 40 3.68 28.75 -3.86
CA GLN C 40 4.00 28.49 -2.46
C GLN C 40 5.00 29.49 -1.88
N ARG C 41 4.86 29.78 -0.57
CA ARG C 41 5.76 30.63 0.21
C ARG C 41 6.52 29.68 1.15
N PRO C 42 7.76 29.23 0.78
CA PRO C 42 8.46 28.24 1.61
C PRO C 42 8.90 28.72 2.99
N ASP C 43 9.06 30.05 3.16
CA ASP C 43 9.50 30.66 4.41
C ASP C 43 8.33 30.81 5.41
N ALA C 44 7.10 30.88 4.88
CA ALA C 44 5.87 31.02 5.66
C ALA C 44 5.54 29.74 6.44
N PRO C 45 4.78 29.81 7.58
CA PRO C 45 4.46 28.58 8.34
C PRO C 45 3.60 27.57 7.57
N ALA C 46 3.46 26.34 8.13
CA ALA C 46 2.73 25.19 7.56
C ALA C 46 1.34 25.56 7.01
N ASN C 47 0.52 26.30 7.79
CA ASN C 47 -0.82 26.72 7.40
C ASN C 47 -0.81 27.82 6.32
N HIS C 48 0.31 28.53 6.15
CA HIS C 48 0.47 29.62 5.19
C HIS C 48 1.45 29.27 4.03
N GLN C 49 1.74 27.97 3.85
CA GLN C 49 2.65 27.46 2.80
C GLN C 49 2.03 27.63 1.39
N ASN C 50 1.01 26.82 1.04
CA ASN C 50 0.32 26.89 -0.26
C ASN C 50 -0.61 28.11 -0.29
N VAL C 51 -0.24 29.14 -1.08
CA VAL C 51 -1.00 30.40 -1.17
C VAL C 51 -2.00 30.38 -2.34
N ALA C 52 -1.65 29.72 -3.47
CA ALA C 52 -2.49 29.64 -4.66
C ALA C 52 -2.29 28.31 -5.41
N ALA C 53 -3.37 27.82 -6.04
CA ALA C 53 -3.38 26.58 -6.82
C ALA C 53 -4.38 26.65 -7.98
N PHE C 54 -4.07 25.97 -9.10
CA PHE C 54 -4.94 25.94 -10.27
C PHE C 54 -5.02 24.52 -10.84
N HIS C 55 -6.25 24.01 -10.96
CA HIS C 55 -6.57 22.69 -11.51
C HIS C 55 -7.15 22.86 -12.93
N PRO C 56 -6.80 21.99 -13.91
CA PRO C 56 -7.32 22.17 -15.28
C PRO C 56 -8.84 22.05 -15.39
N LYS C 57 -9.49 21.28 -14.50
CA LYS C 57 -10.93 21.10 -14.52
C LYS C 57 -11.60 22.01 -13.48
N MET C 58 -11.19 21.90 -12.21
CA MET C 58 -11.76 22.63 -11.07
C MET C 58 -11.47 24.14 -11.08
N GLY C 59 -10.33 24.54 -11.64
CA GLY C 59 -9.97 25.96 -11.71
C GLY C 59 -9.11 26.47 -10.56
N PRO C 60 -9.26 27.75 -10.17
CA PRO C 60 -8.40 28.29 -9.11
C PRO C 60 -8.88 28.04 -7.69
N SER C 61 -7.94 28.06 -6.73
CA SER C 61 -8.15 27.90 -5.29
C SER C 61 -7.02 28.56 -4.52
N PHE C 62 -7.34 29.12 -3.36
CA PHE C 62 -6.37 29.81 -2.51
C PHE C 62 -6.47 29.22 -1.09
N PRO C 63 -5.60 28.24 -0.76
CA PRO C 63 -5.70 27.55 0.55
C PRO C 63 -5.35 28.45 1.75
N SER C 64 -4.23 29.18 1.69
CA SER C 64 -3.78 30.06 2.76
C SER C 64 -4.71 31.29 2.90
N PRO C 65 -5.11 31.67 4.14
CA PRO C 65 -5.96 32.85 4.31
C PRO C 65 -5.20 34.17 4.06
N LYS C 66 -3.85 34.10 4.08
CA LYS C 66 -2.96 35.23 3.83
C LYS C 66 -2.08 34.94 2.60
N PRO C 67 -2.18 35.71 1.48
CA PRO C 67 -3.01 36.92 1.23
C PRO C 67 -4.50 36.62 0.98
N GLY C 68 -4.83 35.34 0.76
CA GLY C 68 -6.19 34.88 0.52
C GLY C 68 -6.70 35.12 -0.89
N SER C 69 -7.97 34.74 -1.14
CA SER C 69 -8.65 34.89 -2.44
C SER C 69 -8.91 36.35 -2.80
N GLU C 70 -9.13 37.19 -1.77
CA GLU C 70 -9.45 38.61 -1.88
C GLU C 70 -8.33 39.42 -2.56
N ARG C 71 -7.05 39.06 -2.32
CA ARG C 71 -5.91 39.80 -2.86
C ARG C 71 -5.15 39.04 -3.98
N LEU C 72 -5.46 37.75 -4.19
CA LEU C 72 -4.81 36.94 -5.22
C LEU C 72 -5.75 36.60 -6.38
N SER C 73 -5.16 36.36 -7.58
CA SER C 73 -5.86 35.98 -8.81
C SER C 73 -4.85 35.49 -9.86
N PHE C 74 -5.30 34.57 -10.73
CA PHE C 74 -4.49 34.05 -11.84
C PHE C 74 -4.79 34.91 -13.07
N VAL C 75 -3.76 35.59 -13.58
CA VAL C 75 -3.83 36.55 -14.69
C VAL C 75 -4.33 35.90 -16.00
N SER C 76 -3.69 34.82 -16.47
CA SER C 76 -4.06 34.21 -17.75
C SER C 76 -4.56 32.76 -17.65
N ALA C 77 -4.28 32.04 -16.53
CA ALA C 77 -4.68 30.64 -16.33
C ALA C 77 -6.19 30.44 -16.50
N LYS C 78 -6.57 29.48 -17.37
CA LYS C 78 -7.97 29.16 -17.68
C LYS C 78 -8.25 27.67 -17.57
N GLN C 79 -9.44 27.33 -17.05
CA GLN C 79 -9.91 25.95 -16.87
C GLN C 79 -10.69 25.46 -18.10
N SER C 80 -10.85 24.12 -18.23
CA SER C 80 -11.56 23.49 -19.35
C SER C 80 -13.08 23.45 -19.10
N THR C 81 -13.86 23.76 -20.15
CA THR C 81 -15.33 23.77 -20.11
C THR C 81 -15.89 23.02 -21.33
N THR C 85 -13.94 21.94 -24.83
CA THR C 85 -12.96 23.01 -24.59
C THR C 85 -11.83 22.46 -23.69
N GLU C 86 -10.58 22.86 -24.00
CA GLU C 86 -9.37 22.44 -23.29
C GLU C 86 -8.82 23.56 -22.38
N ALA C 87 -8.16 23.16 -21.28
CA ALA C 87 -7.58 24.07 -20.28
C ALA C 87 -6.20 24.57 -20.68
N GLU C 88 -5.86 25.79 -20.24
CA GLU C 88 -4.58 26.45 -20.52
C GLU C 88 -3.95 26.89 -19.20
N LEU C 89 -2.97 26.10 -18.72
CA LEU C 89 -2.25 26.31 -17.46
C LEU C 89 -0.77 26.69 -17.65
N GLN C 90 -0.29 26.80 -18.90
CA GLN C 90 1.11 27.14 -19.22
C GLN C 90 1.49 28.56 -18.71
N ASP C 91 0.51 29.49 -18.61
CA ASP C 91 0.71 30.82 -18.06
C ASP C 91 0.16 30.85 -16.64
N ALA C 92 1.05 30.70 -15.66
CA ALA C 92 0.73 30.64 -14.23
C ALA C 92 0.98 31.98 -13.52
N THR C 93 0.95 33.10 -14.27
CA THR C 93 1.18 34.44 -13.72
C THR C 93 0.11 34.76 -12.67
N LEU C 94 0.60 35.10 -11.46
CA LEU C 94 -0.21 35.43 -10.29
C LEU C 94 -0.22 36.94 -10.07
N ALA C 95 -1.40 37.49 -9.72
CA ALA C 95 -1.58 38.91 -9.45
C ALA C 95 -1.77 39.14 -7.95
N LEU C 96 -1.11 40.18 -7.41
CA LEU C 96 -1.20 40.54 -6.00
C LEU C 96 -1.75 41.96 -5.85
N HIS C 97 -3.06 42.06 -5.60
CA HIS C 97 -3.78 43.32 -5.43
C HIS C 97 -3.67 43.78 -3.98
N GLY C 98 -3.42 45.08 -3.79
CA GLY C 98 -3.28 45.68 -2.47
C GLY C 98 -2.07 45.14 -1.72
N LEU C 99 -0.88 45.41 -2.23
CA LEU C 99 0.42 44.97 -1.72
C LEU C 99 0.73 45.52 -0.32
N THR C 100 1.01 44.61 0.63
CA THR C 100 1.36 44.93 2.02
C THR C 100 2.81 44.48 2.31
N VAL C 101 3.40 44.99 3.40
CA VAL C 101 4.78 44.68 3.83
C VAL C 101 4.96 43.16 4.16
N GLU C 102 3.86 42.47 4.55
CA GLU C 102 3.83 41.03 4.88
C GLU C 102 4.02 40.16 3.64
N ASP C 103 3.66 40.69 2.44
CA ASP C 103 3.75 39.99 1.16
C ASP C 103 5.20 39.92 0.63
N GLU C 104 6.12 40.75 1.16
CA GLU C 104 7.53 40.76 0.78
C GLU C 104 8.16 39.40 1.13
N GLY C 105 8.77 38.75 0.14
CA GLY C 105 9.40 37.45 0.32
C GLY C 105 9.52 36.59 -0.91
N ASN C 106 9.84 35.31 -0.69
CA ASN C 106 10.03 34.29 -1.72
C ASN C 106 8.71 33.62 -2.12
N TYR C 107 8.52 33.43 -3.43
CA TYR C 107 7.35 32.80 -4.04
C TYR C 107 7.80 31.74 -5.04
N THR C 108 7.47 30.47 -4.77
CA THR C 108 7.81 29.34 -5.62
C THR C 108 6.60 28.91 -6.44
N CYS C 109 6.74 28.95 -7.76
CA CYS C 109 5.71 28.52 -8.71
C CYS C 109 6.08 27.13 -9.16
N GLU C 110 5.19 26.14 -8.95
CA GLU C 110 5.47 24.75 -9.28
C GLU C 110 4.44 24.19 -10.26
N PHE C 111 4.94 23.44 -11.26
CA PHE C 111 4.13 22.78 -12.28
C PHE C 111 4.19 21.27 -12.13
N ALA C 112 3.05 20.65 -11.79
CA ALA C 112 2.96 19.20 -11.70
C ALA C 112 2.58 18.69 -13.08
N THR C 113 3.55 18.11 -13.81
CA THR C 113 3.35 17.66 -15.18
C THR C 113 3.51 16.15 -15.33
N PHE C 114 2.99 15.59 -16.43
CA PHE C 114 3.07 14.19 -16.79
C PHE C 114 3.54 14.06 -18.26
N PRO C 115 4.60 13.28 -18.57
CA PRO C 115 5.40 12.42 -17.69
C PRO C 115 6.75 13.01 -17.27
N LYS C 116 6.95 14.35 -17.44
CA LYS C 116 8.22 14.99 -17.09
C LYS C 116 8.40 15.16 -15.58
N GLY C 117 7.31 15.21 -14.84
CA GLY C 117 7.32 15.34 -13.39
C GLY C 117 7.05 16.74 -12.88
N SER C 118 7.75 17.13 -11.81
N SER C 118 7.74 17.14 -11.80
CA SER C 118 7.59 18.44 -11.18
CA SER C 118 7.57 18.45 -11.19
C SER C 118 8.70 19.41 -11.61
C SER C 118 8.69 19.41 -11.60
N VAL C 119 8.31 20.64 -11.98
CA VAL C 119 9.22 21.71 -12.41
C VAL C 119 8.83 23.00 -11.70
N ARG C 120 9.80 23.63 -11.01
CA ARG C 120 9.51 24.83 -10.24
C ARG C 120 10.49 25.99 -10.52
N GLY C 121 10.01 27.19 -10.25
CA GLY C 121 10.73 28.46 -10.41
C GLY C 121 10.42 29.37 -9.24
N MET C 122 11.44 30.08 -8.74
CA MET C 122 11.24 30.95 -7.58
C MET C 122 11.47 32.42 -7.91
N THR C 123 10.64 33.28 -7.31
CA THR C 123 10.66 34.74 -7.48
C THR C 123 10.63 35.43 -6.11
N TRP C 124 11.46 36.47 -5.96
CA TRP C 124 11.49 37.29 -4.75
C TRP C 124 10.62 38.52 -4.96
N LEU C 125 9.68 38.77 -4.06
CA LEU C 125 8.81 39.94 -4.12
C LEU C 125 9.34 41.02 -3.19
N ARG C 126 9.60 42.22 -3.72
CA ARG C 126 10.11 43.36 -2.94
C ARG C 126 9.04 44.45 -2.86
N VAL C 127 8.61 44.80 -1.63
CA VAL C 127 7.59 45.83 -1.41
C VAL C 127 8.28 47.19 -1.16
N LEU C 128 8.20 48.10 -2.16
CA LEU C 128 8.80 49.44 -2.09
C LEU C 128 7.89 50.41 -1.32
N VAL C 129 8.30 50.74 -0.08
CA VAL C 129 7.55 51.63 0.82
C VAL C 129 8.12 53.05 0.71
N ASP D 2 -13.22 -19.33 21.64
CA ASP D 2 -14.59 -19.73 21.34
C ASP D 2 -14.61 -20.88 20.33
N VAL D 3 -14.07 -20.66 19.12
CA VAL D 3 -14.02 -21.64 18.04
C VAL D 3 -12.68 -22.41 18.10
N ARG D 4 -12.73 -23.74 17.86
CA ARG D 4 -11.57 -24.63 17.92
C ARG D 4 -11.54 -25.65 16.76
N VAL D 5 -10.38 -26.29 16.53
CA VAL D 5 -10.16 -27.29 15.48
C VAL D 5 -9.96 -28.68 16.12
N GLN D 6 -10.86 -29.64 15.82
CA GLN D 6 -10.76 -31.00 16.34
C GLN D 6 -10.07 -31.88 15.30
N VAL D 7 -8.87 -32.36 15.65
CA VAL D 7 -8.06 -33.24 14.80
C VAL D 7 -7.52 -34.40 15.64
N LEU D 8 -7.23 -35.54 14.99
CA LEU D 8 -6.63 -36.68 15.68
C LEU D 8 -5.13 -36.43 15.85
N PRO D 9 -4.53 -36.72 17.02
CA PRO D 9 -3.10 -36.47 17.21
C PRO D 9 -2.22 -37.27 16.25
N GLU D 10 -2.60 -38.54 16.01
CA GLU D 10 -1.89 -39.46 15.13
C GLU D 10 -2.89 -40.30 14.34
N VAL D 11 -2.64 -40.44 13.03
CA VAL D 11 -3.45 -41.25 12.13
C VAL D 11 -2.54 -42.30 11.50
N ARG D 12 -2.83 -43.58 11.74
CA ARG D 12 -2.06 -44.71 11.22
C ARG D 12 -2.75 -45.29 9.98
N GLY D 13 -1.96 -45.67 8.98
CA GLY D 13 -2.45 -46.23 7.73
C GLY D 13 -1.46 -47.13 7.02
N GLN D 14 -1.95 -48.24 6.44
CA GLN D 14 -1.13 -49.22 5.72
C GLN D 14 -0.67 -48.65 4.37
N LEU D 15 0.49 -49.13 3.89
CA LEU D 15 1.07 -48.72 2.61
C LEU D 15 0.18 -49.17 1.44
N GLY D 16 -0.24 -48.21 0.61
CA GLY D 16 -1.10 -48.45 -0.54
C GLY D 16 -2.58 -48.20 -0.30
N GLY D 17 -2.99 -48.29 0.96
CA GLY D 17 -4.38 -48.10 1.37
C GLY D 17 -4.83 -46.64 1.40
N THR D 18 -6.14 -46.43 1.59
CA THR D 18 -6.75 -45.10 1.67
C THR D 18 -6.98 -44.77 3.14
N VAL D 19 -6.54 -43.58 3.57
CA VAL D 19 -6.67 -43.12 4.95
C VAL D 19 -7.39 -41.75 4.99
N GLU D 20 -8.04 -41.45 6.12
CA GLU D 20 -8.76 -40.20 6.35
C GLU D 20 -8.08 -39.38 7.44
N LEU D 21 -7.84 -38.09 7.19
CA LEU D 21 -7.25 -37.16 8.15
C LEU D 21 -8.38 -36.24 8.66
N PRO D 22 -9.03 -36.56 9.80
CA PRO D 22 -10.17 -35.75 10.24
C PRO D 22 -9.78 -34.36 10.71
N CYS D 23 -10.58 -33.37 10.28
CA CYS D 23 -10.46 -31.96 10.64
C CYS D 23 -11.85 -31.35 10.68
N HIS D 24 -12.27 -30.93 11.87
CA HIS D 24 -13.59 -30.34 12.08
C HIS D 24 -13.49 -29.05 12.87
N LEU D 25 -14.23 -28.02 12.44
CA LEU D 25 -14.27 -26.73 13.14
C LEU D 25 -15.46 -26.72 14.09
N LEU D 26 -15.18 -26.70 15.40
CA LEU D 26 -16.20 -26.77 16.43
C LEU D 26 -16.08 -25.66 17.48
N PRO D 27 -17.19 -25.14 18.04
CA PRO D 27 -18.60 -25.45 17.76
C PRO D 27 -19.18 -24.59 16.62
N PRO D 28 -20.32 -24.94 15.99
CA PRO D 28 -20.88 -24.09 14.93
C PRO D 28 -21.38 -22.76 15.51
N VAL D 29 -20.72 -21.66 15.11
CA VAL D 29 -21.04 -20.32 15.61
C VAL D 29 -21.80 -19.51 14.53
N PRO D 30 -23.01 -18.99 14.86
CA PRO D 30 -23.73 -18.17 13.87
C PRO D 30 -23.07 -16.80 13.71
N GLY D 31 -22.89 -16.37 12.47
CA GLY D 31 -22.24 -15.11 12.16
C GLY D 31 -20.79 -15.29 11.75
N LEU D 32 -20.23 -16.48 12.04
CA LEU D 32 -18.86 -16.84 11.69
C LEU D 32 -18.85 -17.46 10.30
N TYR D 33 -18.03 -16.89 9.39
CA TYR D 33 -17.90 -17.32 8.01
C TYR D 33 -16.51 -17.90 7.76
N ILE D 34 -16.45 -19.16 7.27
CA ILE D 34 -15.19 -19.82 6.92
C ILE D 34 -14.86 -19.37 5.50
N SER D 35 -13.87 -18.47 5.37
CA SER D 35 -13.44 -17.91 4.09
C SER D 35 -12.57 -18.90 3.30
N LEU D 36 -11.77 -19.74 3.99
CA LEU D 36 -10.89 -20.72 3.36
C LEU D 36 -10.46 -21.84 4.32
N VAL D 37 -10.19 -23.03 3.74
CA VAL D 37 -9.71 -24.23 4.42
C VAL D 37 -8.42 -24.66 3.72
N THR D 38 -7.30 -24.80 4.46
CA THR D 38 -6.03 -25.19 3.85
C THR D 38 -5.29 -26.26 4.63
N TRP D 39 -4.87 -27.32 3.91
CA TRP D 39 -4.06 -28.41 4.43
C TRP D 39 -2.62 -28.12 4.06
N GLN D 40 -1.72 -28.14 5.05
CA GLN D 40 -0.31 -27.82 4.85
C GLN D 40 0.63 -28.81 5.53
N ARG D 41 1.78 -29.06 4.90
CA ARG D 41 2.83 -29.92 5.45
C ARG D 41 3.95 -28.99 5.96
N PRO D 42 4.07 -28.79 7.31
CA PRO D 42 5.08 -27.84 7.82
C PRO D 42 6.53 -28.27 7.61
N ASP D 43 6.78 -29.57 7.39
CA ASP D 43 8.12 -30.12 7.19
C ASP D 43 8.63 -29.94 5.74
N ALA D 44 7.73 -30.13 4.75
CA ALA D 44 7.97 -30.02 3.30
C ALA D 44 8.49 -28.63 2.88
N PRO D 45 9.25 -28.51 1.75
CA PRO D 45 9.76 -27.20 1.31
C PRO D 45 8.66 -26.19 0.94
N ALA D 46 9.05 -24.90 0.76
CA ALA D 46 8.18 -23.76 0.45
C ALA D 46 7.18 -24.04 -0.69
N ASN D 47 7.67 -24.59 -1.83
CA ASN D 47 6.87 -24.90 -3.02
C ASN D 47 6.02 -26.19 -2.86
N HIS D 48 6.08 -26.84 -1.66
CA HIS D 48 5.34 -28.07 -1.36
C HIS D 48 4.60 -28.00 -0.01
N GLN D 49 4.42 -26.76 0.54
CA GLN D 49 3.72 -26.52 1.81
C GLN D 49 2.23 -26.80 1.64
N ASN D 50 1.53 -25.97 0.84
CA ASN D 50 0.09 -26.07 0.57
C ASN D 50 -0.20 -27.30 -0.31
N VAL D 51 -0.68 -28.39 0.33
CA VAL D 51 -1.02 -29.64 -0.37
C VAL D 51 -2.49 -29.66 -0.83
N ALA D 52 -3.40 -29.05 -0.04
CA ALA D 52 -4.84 -29.01 -0.36
C ALA D 52 -5.48 -27.73 0.16
N ALA D 53 -6.51 -27.24 -0.57
CA ALA D 53 -7.25 -26.03 -0.24
C ALA D 53 -8.72 -26.12 -0.71
N PHE D 54 -9.64 -25.50 0.04
CA PHE D 54 -11.06 -25.49 -0.31
C PHE D 54 -11.67 -24.10 -0.12
N HIS D 55 -12.27 -23.58 -1.21
CA HIS D 55 -12.94 -22.28 -1.24
C HIS D 55 -14.47 -22.48 -1.21
N PRO D 56 -15.25 -21.65 -0.48
CA PRO D 56 -16.70 -21.86 -0.41
C PRO D 56 -17.42 -21.75 -1.76
N LYS D 57 -16.88 -20.94 -2.68
CA LYS D 57 -17.48 -20.74 -4.01
C LYS D 57 -16.78 -21.60 -5.05
N MET D 58 -15.46 -21.46 -5.19
CA MET D 58 -14.62 -22.15 -6.18
C MET D 58 -14.46 -23.67 -5.94
N GLY D 59 -14.51 -24.10 -4.69
CA GLY D 59 -14.39 -25.52 -4.36
C GLY D 59 -12.98 -25.99 -4.04
N PRO D 60 -12.63 -27.26 -4.36
CA PRO D 60 -11.30 -27.77 -4.00
C PRO D 60 -10.19 -27.45 -5.00
N SER D 61 -8.95 -27.44 -4.51
CA SER D 61 -7.71 -27.22 -5.27
C SER D 61 -6.53 -27.86 -4.54
N PHE D 62 -5.56 -28.37 -5.31
CA PHE D 62 -4.38 -29.03 -4.77
C PHE D 62 -3.14 -28.38 -5.40
N PRO D 63 -2.53 -27.40 -4.70
CA PRO D 63 -1.38 -26.67 -5.30
C PRO D 63 -0.11 -27.51 -5.46
N SER D 64 0.30 -28.26 -4.43
CA SER D 64 1.49 -29.10 -4.48
C SER D 64 1.30 -30.30 -5.41
N PRO D 65 2.29 -30.63 -6.27
CA PRO D 65 2.14 -31.81 -7.16
C PRO D 65 2.26 -33.13 -6.40
N LYS D 66 2.80 -33.08 -5.15
CA LYS D 66 2.96 -34.23 -4.27
C LYS D 66 2.17 -34.00 -2.97
N PRO D 67 1.13 -34.81 -2.64
CA PRO D 67 0.62 -36.01 -3.34
C PRO D 67 -0.21 -35.71 -4.61
N GLY D 68 -0.59 -34.44 -4.78
CA GLY D 68 -1.36 -33.97 -5.93
C GLY D 68 -2.85 -34.26 -5.86
N SER D 69 -3.59 -33.87 -6.92
CA SER D 69 -5.04 -34.07 -7.04
C SER D 69 -5.43 -35.54 -7.19
N GLU D 70 -4.55 -36.33 -7.82
CA GLU D 70 -4.73 -37.75 -8.09
C GLU D 70 -4.88 -38.61 -6.83
N ARG D 71 -4.18 -38.25 -5.74
CA ARG D 71 -4.19 -39.02 -4.49
C ARG D 71 -4.95 -38.33 -3.34
N LEU D 72 -5.31 -37.05 -3.50
CA LEU D 72 -6.03 -36.28 -2.48
C LEU D 72 -7.48 -35.98 -2.88
N SER D 73 -8.35 -35.79 -1.87
CA SER D 73 -9.77 -35.46 -2.00
C SER D 73 -10.36 -35.02 -0.65
N PHE D 74 -11.37 -34.14 -0.68
CA PHE D 74 -12.08 -33.67 0.50
C PHE D 74 -13.30 -34.56 0.68
N VAL D 75 -13.34 -35.28 1.82
CA VAL D 75 -14.37 -36.28 2.16
C VAL D 75 -15.79 -35.67 2.25
N SER D 76 -16.00 -34.61 3.05
CA SER D 76 -17.34 -34.05 3.23
C SER D 76 -17.48 -32.58 2.77
N ALA D 77 -16.37 -31.84 2.61
CA ALA D 77 -16.38 -30.43 2.21
C ALA D 77 -17.14 -30.21 0.89
N LYS D 78 -18.12 -29.28 0.92
CA LYS D 78 -18.97 -28.95 -0.23
C LYS D 78 -19.03 -27.45 -0.50
N GLN D 79 -19.04 -27.07 -1.78
CA GLN D 79 -19.10 -25.68 -2.25
C GLN D 79 -20.55 -25.22 -2.45
N SER D 80 -20.77 -23.89 -2.52
CA SER D 80 -22.09 -23.28 -2.70
C SER D 80 -22.47 -23.21 -4.18
N THR D 81 -23.74 -23.54 -4.50
CA THR D 81 -24.29 -23.52 -5.86
C THR D 81 -25.64 -22.80 -5.86
N THR D 85 -28.09 -21.86 -2.65
CA THR D 85 -27.46 -22.93 -1.89
C THR D 85 -26.21 -22.40 -1.19
N GLU D 86 -25.98 -22.82 0.08
CA GLU D 86 -24.85 -22.40 0.92
C GLU D 86 -23.77 -23.50 1.01
N ALA D 87 -22.51 -23.07 1.20
CA ALA D 87 -21.34 -23.95 1.30
C ALA D 87 -21.15 -24.49 2.71
N GLU D 88 -20.58 -25.70 2.82
CA GLU D 88 -20.30 -26.38 4.09
C GLU D 88 -18.82 -26.78 4.12
N LEU D 89 -18.02 -25.99 4.85
CA LEU D 89 -16.57 -26.15 4.99
C LEU D 89 -16.16 -26.56 6.42
N GLN D 90 -17.17 -26.78 7.30
CA GLN D 90 -17.02 -27.19 8.70
C GLN D 90 -16.24 -28.50 8.83
N ASP D 91 -16.47 -29.42 7.88
CA ASP D 91 -15.84 -30.73 7.82
C ASP D 91 -14.75 -30.70 6.75
N ALA D 92 -13.50 -30.52 7.19
CA ALA D 92 -12.32 -30.41 6.35
C ALA D 92 -11.53 -31.73 6.26
N THR D 93 -12.19 -32.88 6.49
CA THR D 93 -11.57 -34.20 6.44
C THR D 93 -11.00 -34.46 5.04
N LEU D 94 -9.70 -34.77 4.99
CA LEU D 94 -8.93 -35.04 3.79
C LEU D 94 -8.68 -36.55 3.64
N ALA D 95 -8.81 -37.06 2.41
CA ALA D 95 -8.58 -38.46 2.10
C ALA D 95 -7.27 -38.63 1.33
N LEU D 96 -6.49 -39.66 1.68
CA LEU D 96 -5.21 -39.97 1.04
C LEU D 96 -5.24 -41.37 0.44
N HIS D 97 -5.51 -41.43 -0.86
CA HIS D 97 -5.60 -42.67 -1.64
C HIS D 97 -4.21 -43.08 -2.12
N GLY D 98 -3.90 -44.36 -2.03
CA GLY D 98 -2.60 -44.92 -2.44
C GLY D 98 -1.45 -44.37 -1.62
N LEU D 99 -1.44 -44.71 -0.32
CA LEU D 99 -0.46 -44.25 0.65
C LEU D 99 0.95 -44.74 0.34
N THR D 100 1.91 -43.79 0.34
CA THR D 100 3.33 -44.06 0.11
C THR D 100 4.13 -43.63 1.34
N VAL D 101 5.39 -44.09 1.46
CA VAL D 101 6.30 -43.79 2.58
C VAL D 101 6.62 -42.28 2.68
N GLU D 102 6.56 -41.55 1.55
CA GLU D 102 6.82 -40.10 1.49
C GLU D 102 5.71 -39.30 2.17
N ASP D 103 4.47 -39.84 2.22
CA ASP D 103 3.30 -39.22 2.83
C ASP D 103 3.36 -39.19 4.37
N GLU D 104 4.25 -40.01 4.99
CA GLU D 104 4.44 -40.04 6.44
C GLU D 104 4.97 -38.70 6.91
N GLY D 105 4.27 -38.10 7.87
CA GLY D 105 4.66 -36.81 8.42
C GLY D 105 3.53 -35.99 9.03
N ASN D 106 3.84 -34.70 9.27
CA ASN D 106 2.94 -33.73 9.87
C ASN D 106 2.04 -33.07 8.83
N TYR D 107 0.75 -32.92 9.19
CA TYR D 107 -0.29 -32.29 8.36
C TYR D 107 -1.07 -31.28 9.21
N THR D 108 -0.99 -30.00 8.85
CA THR D 108 -1.69 -28.94 9.56
C THR D 108 -2.90 -28.52 8.75
N CYS D 109 -4.07 -28.58 9.38
CA CYS D 109 -5.35 -28.17 8.81
C CYS D 109 -5.66 -26.79 9.37
N GLU D 110 -5.84 -25.79 8.49
CA GLU D 110 -6.07 -24.41 8.90
C GLU D 110 -7.39 -23.86 8.35
N PHE D 111 -8.13 -23.15 9.22
CA PHE D 111 -9.41 -22.52 8.90
C PHE D 111 -9.28 -21.01 8.93
N ALA D 112 -9.42 -20.36 7.77
CA ALA D 112 -9.40 -18.91 7.68
C ALA D 112 -10.84 -18.43 7.88
N THR D 113 -11.13 -17.89 9.07
CA THR D 113 -12.50 -17.47 9.42
C THR D 113 -12.60 -15.96 9.69
N PHE D 114 -13.83 -15.44 9.64
CA PHE D 114 -14.15 -14.04 9.90
C PHE D 114 -15.32 -13.97 10.90
N PRO D 115 -15.21 -13.21 12.02
CA PRO D 115 -14.10 -12.33 12.43
C PRO D 115 -13.17 -12.94 13.50
N LYS D 116 -13.22 -14.27 13.71
CA LYS D 116 -12.39 -14.93 14.73
C LYS D 116 -10.93 -15.05 14.30
N GLY D 117 -10.68 -15.07 13.00
CA GLY D 117 -9.33 -15.16 12.45
C GLY D 117 -8.94 -16.53 11.96
N SER D 118 -7.67 -16.92 12.17
N SER D 118 -7.67 -16.91 12.16
CA SER D 118 -7.14 -18.21 11.75
CA SER D 118 -7.15 -18.21 11.74
C SER D 118 -7.07 -19.19 12.92
C SER D 118 -7.07 -19.19 12.92
N VAL D 119 -7.54 -20.43 12.68
CA VAL D 119 -7.56 -21.52 13.67
C VAL D 119 -7.02 -22.78 12.99
N ARG D 120 -6.01 -23.41 13.60
CA ARG D 120 -5.37 -24.60 13.01
C ARG D 120 -5.23 -25.77 13.99
N GLY D 121 -5.13 -26.96 13.40
CA GLY D 121 -4.94 -28.23 14.10
C GLY D 121 -3.96 -29.09 13.33
N MET D 122 -3.07 -29.80 14.03
CA MET D 122 -2.06 -30.62 13.38
C MET D 122 -2.23 -32.11 13.69
N THR D 123 -1.98 -32.95 12.67
CA THR D 123 -2.09 -34.40 12.71
C THR D 123 -0.82 -35.04 12.13
N TRP D 124 -0.32 -36.10 12.80
CA TRP D 124 0.81 -36.86 12.33
C TRP D 124 0.29 -38.10 11.58
N LEU D 125 0.78 -38.29 10.34
CA LEU D 125 0.40 -39.45 9.53
C LEU D 125 1.49 -40.50 9.65
N ARG D 126 1.10 -41.67 10.18
CA ARG D 126 1.98 -42.81 10.40
C ARG D 126 1.76 -43.86 9.31
N VAL D 127 2.70 -43.95 8.36
CA VAL D 127 2.63 -44.92 7.27
C VAL D 127 3.21 -46.24 7.78
N LEU D 128 2.32 -47.24 7.97
CA LEU D 128 2.69 -48.57 8.48
C LEU D 128 3.32 -49.39 7.35
N VAL D 129 4.38 -50.14 7.68
CA VAL D 129 5.14 -50.95 6.70
C VAL D 129 4.85 -52.46 6.90
N PRO D 130 4.68 -53.24 5.80
CA PRO D 130 4.40 -54.69 5.97
C PRO D 130 5.70 -55.50 6.09
N ARG D 131 6.30 -55.93 4.93
CA ARG D 131 7.54 -56.71 4.87
C ARG D 131 8.16 -56.65 3.46
#